data_8KIH
#
_entry.id   8KIH
#
_cell.length_a   106.549
_cell.length_b   106.549
_cell.length_c   55.360
_cell.angle_alpha   90.00
_cell.angle_beta   90.00
_cell.angle_gamma   120.00
#
_symmetry.space_group_name_H-M   'P 64'
#
loop_
_entity.id
_entity.type
_entity.pdbx_description
1 polymer 'diterpene synthase, PhmA'
2 non-polymer '(2Z,6E,10E)-2-fluoro-3,7,11,15-tetramethylhexadeca-2,6,10,14-tetraen-1-yl trihydrogen diphosphate'
3 non-polymer 'MAGNESIUM ION'
4 water water
#
_entity_poly.entity_id   1
_entity_poly.type   'polypeptide(L)'
_entity_poly.pdbx_seq_one_letter_code
;MATTTTTTTSTEITSPRLASLFACNRHEKFRECVAYADESYAESLEPVAIIEESTPHSRLAKLGSCTAVLYPQGDFDRLP
ATIDGYMAFLFLDDLIDNSTDMSYISEITSRFMSTAKGTPTDDKRFFLLSRFFTDKRWDPQNLVLAIEEAQRFMDGALAL
RAIEIEERIITVEEYLDIRVPNTAMGFMFRVIGFAQPELAEDLNRVMAEKPDLWDRVESPSGKSVGIALDLFKVNGLHAE
VCSYTNVVKIWQRESPVAIDLGEAIKFMVSEFYRYEKEMAEALEELAEFSPGLAQAVRDVQGGTLGWMNAERGGRYSKIK
LAAALEHHHHHH
;
_entity_poly.pdbx_strand_id   A
#
# COMPACT_ATOMS: atom_id res chain seq x y z
N THR A 14 -6.97 -15.53 14.20
CA THR A 14 -8.08 -14.69 14.66
C THR A 14 -8.31 -13.59 13.64
N SER A 15 -9.42 -12.87 13.79
CA SER A 15 -9.87 -11.94 12.76
C SER A 15 -10.09 -12.72 11.46
N PRO A 16 -11.25 -12.56 10.83
CA PRO A 16 -11.63 -13.49 9.76
C PRO A 16 -11.04 -13.10 8.42
N ARG A 17 -11.08 -14.06 7.51
CA ARG A 17 -10.86 -13.75 6.11
C ARG A 17 -11.89 -12.73 5.66
N LEU A 18 -11.47 -11.84 4.77
CA LEU A 18 -12.33 -10.84 4.15
C LEU A 18 -12.50 -11.19 2.68
N ALA A 19 -13.75 -11.17 2.21
CA ALA A 19 -14.08 -11.46 0.81
C ALA A 19 -14.23 -10.13 0.08
N SER A 20 -13.17 -9.69 -0.59
CA SER A 20 -13.30 -8.51 -1.43
C SER A 20 -14.37 -8.71 -2.48
N LEU A 21 -15.01 -7.59 -2.85
CA LEU A 21 -15.89 -7.53 -4.00
C LEU A 21 -15.14 -7.76 -5.30
N PHE A 22 -13.83 -7.58 -5.28
CA PHE A 22 -13.02 -7.51 -6.49
C PHE A 22 -12.25 -8.80 -6.66
N ALA A 23 -12.37 -9.37 -7.85
CA ALA A 23 -11.67 -10.60 -8.18
C ALA A 23 -10.18 -10.44 -7.98
N CYS A 24 -9.55 -11.53 -7.56
CA CYS A 24 -8.10 -11.63 -7.53
C CYS A 24 -7.66 -12.24 -8.85
N ASN A 25 -7.17 -11.40 -9.76
CA ASN A 25 -6.73 -11.83 -11.09
C ASN A 25 -5.21 -11.89 -11.18
N ARG A 26 -4.72 -12.70 -12.10
CA ARG A 26 -3.33 -13.12 -12.10
C ARG A 26 -2.72 -12.94 -13.49
N HIS A 27 -1.57 -12.28 -13.55
CA HIS A 27 -0.82 -12.17 -14.80
C HIS A 27 -0.42 -13.54 -15.34
N GLU A 28 -0.43 -13.68 -16.67
CA GLU A 28 -0.20 -15.01 -17.25
C GLU A 28 1.24 -15.44 -17.12
N LYS A 29 2.18 -14.50 -16.99
CA LYS A 29 3.55 -14.85 -16.61
C LYS A 29 3.78 -14.75 -15.11
N PHE A 30 2.84 -15.25 -14.31
CA PHE A 30 3.00 -15.20 -12.87
C PHE A 30 4.17 -16.05 -12.42
N ARG A 31 4.41 -17.18 -13.10
CA ARG A 31 5.50 -18.06 -12.72
C ARG A 31 6.84 -17.37 -12.91
N GLU A 32 7.03 -16.71 -14.07
CA GLU A 32 8.22 -15.90 -14.30
C GLU A 32 8.37 -14.80 -13.26
N CYS A 33 7.26 -14.19 -12.84
CA CYS A 33 7.31 -13.19 -11.78
C CYS A 33 7.92 -13.77 -10.51
N VAL A 34 7.38 -14.89 -10.04
CA VAL A 34 8.10 -15.65 -9.02
C VAL A 34 9.35 -16.19 -9.70
N ALA A 35 10.44 -16.23 -8.96
CA ALA A 35 11.70 -16.68 -9.53
C ALA A 35 12.46 -15.44 -9.93
N TYR A 36 11.89 -14.56 -10.78
CA TYR A 36 12.55 -13.27 -10.86
C TYR A 36 12.66 -12.70 -9.46
N ALA A 37 11.56 -12.75 -8.69
CA ALA A 37 11.62 -12.21 -7.33
C ALA A 37 12.60 -13.01 -6.48
N ASP A 38 12.51 -14.33 -6.52
CA ASP A 38 13.46 -15.17 -5.78
C ASP A 38 14.90 -14.81 -6.13
N GLU A 39 15.23 -14.80 -7.43
CA GLU A 39 16.60 -14.57 -7.83
C GLU A 39 17.04 -13.15 -7.54
N SER A 40 16.15 -12.17 -7.70
CA SER A 40 16.52 -10.78 -7.41
C SER A 40 16.72 -10.55 -5.93
N TYR A 41 15.81 -11.06 -5.09
CA TYR A 41 16.00 -10.95 -3.65
C TYR A 41 17.35 -11.56 -3.22
N ALA A 42 17.60 -12.81 -3.59
CA ALA A 42 18.79 -13.51 -3.11
C ALA A 42 20.06 -12.78 -3.49
N GLU A 43 20.04 -12.00 -4.57
CA GLU A 43 21.22 -11.30 -5.05
C GLU A 43 21.35 -9.88 -4.53
N SER A 44 20.24 -9.19 -4.24
CA SER A 44 20.25 -7.76 -3.96
C SER A 44 19.67 -7.34 -2.62
N LEU A 45 18.93 -8.20 -1.94
CA LEU A 45 18.37 -7.85 -0.63
C LEU A 45 18.75 -8.83 0.46
N GLU A 46 18.84 -10.13 0.13
CA GLU A 46 19.20 -11.13 1.13
C GLU A 46 20.46 -10.78 1.91
N PRO A 47 21.53 -10.26 1.29
CA PRO A 47 22.73 -9.93 2.10
C PRO A 47 22.46 -8.94 3.22
N VAL A 48 21.77 -7.84 2.94
CA VAL A 48 21.55 -6.82 3.98
C VAL A 48 20.40 -7.22 4.89
N ALA A 49 19.28 -7.68 4.33
CA ALA A 49 18.12 -8.05 5.14
C ALA A 49 18.48 -9.19 6.08
N ILE A 50 18.58 -8.90 7.37
CA ILE A 50 18.94 -9.92 8.36
C ILE A 50 18.15 -9.62 9.63
N SER A 58 13.20 -14.29 5.05
CA SER A 58 12.37 -13.10 4.91
C SER A 58 11.23 -13.36 3.92
N ARG A 59 10.07 -12.77 4.21
CA ARG A 59 8.90 -12.91 3.34
C ARG A 59 8.97 -11.95 2.16
N LEU A 60 10.18 -11.58 1.72
CA LEU A 60 10.30 -10.47 0.77
C LEU A 60 10.14 -10.95 -0.67
N ALA A 61 10.67 -12.12 -1.01
CA ALA A 61 10.53 -12.63 -2.37
C ALA A 61 9.06 -12.86 -2.73
N LYS A 62 8.21 -13.09 -1.73
CA LYS A 62 6.78 -13.29 -1.95
C LYS A 62 6.12 -12.18 -2.75
N LEU A 63 6.75 -11.01 -2.85
CA LEU A 63 6.27 -9.90 -3.67
C LEU A 63 6.40 -10.17 -5.18
N GLY A 64 6.83 -11.36 -5.57
CA GLY A 64 6.71 -11.81 -6.92
C GLY A 64 5.26 -12.19 -7.21
N SER A 65 4.74 -13.20 -6.51
CA SER A 65 3.35 -13.54 -6.73
C SER A 65 2.47 -12.31 -6.55
N CYS A 66 2.88 -11.38 -5.68
CA CYS A 66 2.01 -10.24 -5.38
C CYS A 66 1.94 -9.27 -6.55
N THR A 67 3.08 -8.91 -7.13
CA THR A 67 3.05 -8.00 -8.26
C THR A 67 2.26 -8.60 -9.40
N ALA A 68 2.37 -9.92 -9.58
CA ALA A 68 1.66 -10.58 -10.67
C ALA A 68 0.14 -10.52 -10.48
N VAL A 69 -0.36 -10.41 -9.24
CA VAL A 69 -1.81 -10.25 -9.06
C VAL A 69 -2.22 -8.80 -8.83
N LEU A 70 -1.27 -7.90 -8.57
CA LEU A 70 -1.63 -6.49 -8.52
C LEU A 70 -1.85 -5.94 -9.92
N TYR A 71 -1.06 -6.40 -10.89
CA TYR A 71 -1.04 -5.84 -12.26
C TYR A 71 -1.24 -6.95 -13.29
N PRO A 72 -2.40 -7.62 -13.27
CA PRO A 72 -2.59 -8.79 -14.14
C PRO A 72 -2.73 -8.46 -15.62
N GLN A 73 -3.11 -7.24 -15.99
CA GLN A 73 -3.07 -6.80 -17.39
C GLN A 73 -1.88 -5.86 -17.64
N GLY A 74 -0.92 -5.84 -16.75
CA GLY A 74 0.32 -5.13 -16.98
C GLY A 74 1.19 -5.75 -18.06
N ASP A 75 2.20 -4.97 -18.44
CA ASP A 75 3.19 -5.39 -19.42
C ASP A 75 4.30 -6.14 -18.67
N PHE A 76 4.54 -7.39 -19.04
CA PHE A 76 5.47 -8.20 -18.27
C PHE A 76 6.84 -7.53 -18.16
N ASP A 77 7.27 -6.82 -19.21
CA ASP A 77 8.60 -6.23 -19.19
C ASP A 77 8.75 -5.14 -18.14
N ARG A 78 7.63 -4.61 -17.58
CA ARG A 78 7.69 -3.68 -16.46
C ARG A 78 7.61 -4.35 -15.10
N LEU A 79 7.26 -5.63 -15.04
CA LEU A 79 7.01 -6.21 -13.73
C LEU A 79 8.29 -6.49 -12.95
N PRO A 80 9.36 -6.99 -13.58
CA PRO A 80 10.61 -7.17 -12.79
C PRO A 80 11.04 -5.89 -12.07
N ALA A 81 11.01 -4.73 -12.75
CA ALA A 81 11.30 -3.45 -12.11
C ALA A 81 10.35 -3.16 -10.94
N THR A 82 9.04 -3.40 -11.15
CA THR A 82 8.05 -3.15 -10.11
C THR A 82 8.28 -4.07 -8.90
N ILE A 83 8.61 -5.33 -9.15
CA ILE A 83 8.94 -6.27 -8.06
C ILE A 83 10.09 -5.74 -7.22
N ASP A 84 11.17 -5.31 -7.88
CA ASP A 84 12.31 -4.81 -7.13
C ASP A 84 11.93 -3.59 -6.33
N GLY A 85 11.17 -2.68 -6.94
CA GLY A 85 10.77 -1.47 -6.24
C GLY A 85 9.97 -1.82 -4.99
N TYR A 86 9.03 -2.78 -5.14
CA TYR A 86 8.11 -3.12 -4.05
C TYR A 86 8.79 -3.93 -2.96
N MET A 87 9.79 -4.75 -3.31
CA MET A 87 10.58 -5.42 -2.28
C MET A 87 11.37 -4.41 -1.45
N ALA A 88 12.00 -3.42 -2.11
CA ALA A 88 12.69 -2.35 -1.40
C ALA A 88 11.72 -1.54 -0.55
N PHE A 89 10.55 -1.21 -1.09
CA PHE A 89 9.58 -0.42 -0.34
C PHE A 89 9.18 -1.16 0.94
N LEU A 90 8.77 -2.43 0.81
CA LEU A 90 8.35 -3.21 1.96
C LEU A 90 9.46 -3.32 2.99
N PHE A 91 10.69 -3.56 2.53
CA PHE A 91 11.85 -3.64 3.41
C PHE A 91 12.01 -2.37 4.26
N LEU A 92 12.04 -1.21 3.61
CA LEU A 92 12.24 0.05 4.34
C LEU A 92 11.05 0.37 5.24
N ASP A 93 9.84 0.09 4.80
CA ASP A 93 8.70 0.36 5.68
C ASP A 93 8.75 -0.50 6.93
N ASP A 94 9.45 -1.63 6.88
CA ASP A 94 9.59 -2.44 8.08
C ASP A 94 10.56 -1.77 9.04
N LEU A 95 11.66 -1.22 8.52
CA LEU A 95 12.48 -0.28 9.26
C LEU A 95 11.63 0.80 9.95
N ILE A 96 10.83 1.51 9.16
CA ILE A 96 10.08 2.64 9.68
C ILE A 96 9.13 2.20 10.80
N ASP A 97 8.27 1.22 10.52
CA ASP A 97 7.25 0.81 11.48
C ASP A 97 7.83 0.21 12.75
N ASN A 98 9.06 -0.28 12.70
CA ASN A 98 9.68 -0.90 13.87
C ASN A 98 10.46 0.09 14.71
N SER A 99 10.53 1.34 14.27
CA SER A 99 11.32 2.35 14.97
C SER A 99 10.51 2.93 16.12
N THR A 100 11.21 3.22 17.22
CA THR A 100 10.59 3.65 18.47
C THR A 100 10.73 5.14 18.73
N ASP A 101 11.47 5.87 17.90
CA ASP A 101 11.71 7.28 18.15
C ASP A 101 11.65 8.06 16.84
N MET A 102 11.13 9.28 16.95
CA MET A 102 10.93 10.11 15.76
C MET A 102 12.24 10.38 15.04
N SER A 103 13.35 10.46 15.78
CA SER A 103 14.61 10.90 15.17
C SER A 103 15.09 9.92 14.11
N TYR A 104 14.94 8.62 14.37
CA TYR A 104 15.41 7.62 13.43
C TYR A 104 14.46 7.49 12.24
N ILE A 105 13.14 7.47 12.49
CA ILE A 105 12.15 7.38 11.42
C ILE A 105 12.27 8.57 10.49
N SER A 106 12.58 9.75 11.04
CA SER A 106 12.78 10.92 10.19
C SER A 106 13.99 10.74 9.27
N GLU A 107 15.08 10.20 9.78
CA GLU A 107 16.21 9.94 8.90
C GLU A 107 15.82 8.97 7.78
N ILE A 108 15.17 7.86 8.12
CA ILE A 108 14.86 6.87 7.08
C ILE A 108 13.88 7.44 6.05
N THR A 109 12.85 8.19 6.50
CA THR A 109 11.91 8.68 5.49
C THR A 109 12.53 9.74 4.59
N SER A 110 13.34 10.65 5.16
CA SER A 110 13.97 11.64 4.30
C SER A 110 14.87 10.96 3.27
N ARG A 111 15.58 9.89 3.66
CA ARG A 111 16.46 9.22 2.70
C ARG A 111 15.66 8.48 1.62
N PHE A 112 14.55 7.87 2.01
CA PHE A 112 13.61 7.30 1.05
C PHE A 112 13.19 8.34 0.00
N MET A 113 12.76 9.52 0.45
CA MET A 113 12.31 10.53 -0.52
C MET A 113 13.46 11.08 -1.37
N SER A 114 14.65 11.20 -0.79
CA SER A 114 15.80 11.60 -1.59
C SER A 114 16.03 10.60 -2.71
N THR A 115 15.96 9.30 -2.38
CA THR A 115 16.22 8.26 -3.37
C THR A 115 15.13 8.24 -4.43
N ALA A 116 13.89 8.38 -3.98
CA ALA A 116 12.76 8.41 -4.90
C ALA A 116 12.92 9.52 -5.94
N LYS A 117 13.66 10.58 -5.60
CA LYS A 117 13.88 11.71 -6.50
C LYS A 117 15.21 11.58 -7.24
N GLY A 118 15.83 10.40 -7.24
CA GLY A 118 17.04 10.12 -7.97
C GLY A 118 18.36 10.62 -7.40
N THR A 119 18.39 11.02 -6.13
CA THR A 119 19.69 11.30 -5.50
C THR A 119 20.50 10.02 -5.41
N PRO A 120 21.72 9.99 -5.92
CA PRO A 120 22.54 8.78 -5.84
C PRO A 120 22.75 8.31 -4.40
N THR A 121 22.80 6.99 -4.22
CA THR A 121 23.08 6.39 -2.92
C THR A 121 23.97 5.16 -3.08
N ASP A 122 24.88 4.96 -2.13
CA ASP A 122 25.65 3.71 -2.02
C ASP A 122 25.21 2.88 -0.82
N ASP A 123 24.03 3.16 -0.28
CA ASP A 123 23.43 2.35 0.76
C ASP A 123 22.61 1.24 0.10
N LYS A 124 23.08 -0.01 0.22
CA LYS A 124 22.45 -1.14 -0.46
C LYS A 124 20.99 -1.32 -0.08
N ARG A 125 20.63 -0.93 1.14
CA ARG A 125 19.24 -0.98 1.55
C ARG A 125 18.36 -0.22 0.57
N PHE A 126 18.89 0.81 -0.07
CA PHE A 126 18.12 1.66 -0.98
C PHE A 126 18.40 1.38 -2.45
N PHE A 127 19.17 0.34 -2.77
CA PHE A 127 19.66 0.16 -4.13
C PHE A 127 18.52 -0.16 -5.09
N LEU A 128 17.62 -1.05 -4.70
CA LEU A 128 16.52 -1.41 -5.58
C LEU A 128 15.46 -0.31 -5.62
N LEU A 129 15.30 0.45 -4.54
CA LEU A 129 14.39 1.58 -4.57
C LEU A 129 14.83 2.59 -5.64
N SER A 130 16.14 2.89 -5.66
CA SER A 130 16.72 3.78 -6.65
C SER A 130 16.54 3.27 -8.08
N ARG A 131 16.81 1.97 -8.31
CA ARG A 131 16.57 1.40 -9.64
C ARG A 131 15.17 1.68 -10.14
N PHE A 132 14.18 1.52 -9.26
CA PHE A 132 12.78 1.61 -9.63
C PHE A 132 12.39 3.06 -9.93
N PHE A 133 12.75 3.99 -9.03
CA PHE A 133 12.32 5.35 -9.23
C PHE A 133 13.07 6.07 -10.34
N THR A 134 14.24 5.54 -10.76
CA THR A 134 15.02 6.14 -11.84
C THR A 134 14.90 5.36 -13.14
N ASP A 135 13.96 4.42 -13.21
CA ASP A 135 13.73 3.68 -14.44
C ASP A 135 13.37 4.64 -15.55
N LYS A 136 14.12 4.58 -16.65
CA LYS A 136 13.95 5.53 -17.73
C LYS A 136 12.61 5.43 -18.44
N ARG A 137 11.87 4.34 -18.22
CA ARG A 137 10.62 4.09 -18.91
C ARG A 137 9.41 4.76 -18.26
N TRP A 138 9.55 5.37 -17.08
CA TRP A 138 8.43 6.07 -16.46
C TRP A 138 7.87 7.12 -17.40
N ASP A 139 6.54 7.22 -17.46
CA ASP A 139 5.90 8.43 -17.94
C ASP A 139 6.24 9.57 -16.99
N PRO A 140 6.69 10.73 -17.51
CA PRO A 140 7.25 11.75 -16.60
C PRO A 140 6.22 12.28 -15.61
N GLN A 141 4.99 12.56 -16.03
CA GLN A 141 4.00 13.02 -15.07
C GLN A 141 3.57 11.91 -14.12
N ASN A 142 3.48 10.68 -14.62
CA ASN A 142 3.26 9.55 -13.72
C ASN A 142 4.35 9.48 -12.65
N LEU A 143 5.61 9.68 -13.02
CA LEU A 143 6.66 9.62 -12.00
C LEU A 143 6.46 10.70 -10.96
N VAL A 144 6.09 11.92 -11.38
CA VAL A 144 5.88 12.99 -10.42
C VAL A 144 4.74 12.63 -9.47
N LEU A 145 3.65 12.03 -9.99
CA LEU A 145 2.55 11.53 -9.15
C LEU A 145 3.02 10.51 -8.13
N ALA A 146 3.85 9.55 -8.56
CA ALA A 146 4.36 8.52 -7.66
C ALA A 146 5.23 9.10 -6.55
N ILE A 147 6.14 10.02 -6.89
CA ILE A 147 6.94 10.68 -5.85
C ILE A 147 6.04 11.42 -4.87
N GLU A 148 5.02 12.12 -5.36
CA GLU A 148 4.22 12.93 -4.46
C GLU A 148 3.41 12.05 -3.53
N GLU A 149 2.88 10.94 -4.04
CA GLU A 149 2.15 10.00 -3.21
C GLU A 149 3.09 9.32 -2.21
N ALA A 150 4.32 9.00 -2.61
CA ALA A 150 5.24 8.42 -1.62
C ALA A 150 5.50 9.42 -0.49
N GLN A 151 5.49 10.71 -0.79
CA GLN A 151 5.66 11.68 0.28
C GLN A 151 4.48 11.62 1.24
N ARG A 152 3.26 11.44 0.69
CA ARG A 152 2.08 11.34 1.54
C ARG A 152 2.11 10.08 2.38
N PHE A 153 2.55 8.97 1.80
CA PHE A 153 2.74 7.76 2.60
C PHE A 153 3.68 8.04 3.76
N MET A 154 4.82 8.65 3.48
CA MET A 154 5.82 8.91 4.53
C MET A 154 5.28 9.88 5.58
N ASP A 155 4.56 10.92 5.15
CA ASP A 155 4.00 11.86 6.12
C ASP A 155 3.01 11.17 7.06
N GLY A 156 2.30 10.16 6.58
CA GLY A 156 1.39 9.43 7.47
C GLY A 156 2.14 8.50 8.41
N ALA A 157 3.16 7.81 7.92
CA ALA A 157 4.01 7.04 8.82
C ALA A 157 4.55 7.94 9.94
N LEU A 158 5.06 9.12 9.60
CA LEU A 158 5.59 9.97 10.63
C LEU A 158 4.49 10.36 11.60
N ALA A 159 3.30 10.66 11.09
CA ALA A 159 2.24 11.14 11.99
C ALA A 159 1.74 10.02 12.90
N LEU A 160 1.60 8.80 12.35
CA LEU A 160 1.12 7.70 13.16
C LEU A 160 2.07 7.38 14.30
N ARG A 161 3.38 7.48 14.06
CA ARG A 161 4.36 7.19 15.12
C ARG A 161 4.34 8.26 16.20
N ALA A 162 4.15 9.52 15.82
CA ALA A 162 3.97 10.56 16.83
C ALA A 162 2.79 10.22 17.72
N ILE A 163 1.72 9.68 17.13
CA ILE A 163 0.51 9.35 17.88
C ILE A 163 0.84 8.30 18.94
N GLU A 164 1.44 7.18 18.52
CA GLU A 164 1.69 6.10 19.47
C GLU A 164 2.64 6.56 20.57
N ILE A 165 3.68 7.33 20.21
CA ILE A 165 4.62 7.87 21.21
C ILE A 165 3.88 8.75 22.21
N GLU A 166 3.21 9.79 21.70
CA GLU A 166 2.45 10.68 22.56
C GLU A 166 1.25 9.98 23.19
N GLU A 167 0.99 8.72 22.81
CA GLU A 167 -0.14 7.95 23.32
C GLU A 167 -1.45 8.74 23.19
N ARG A 168 -1.60 9.40 22.04
CA ARG A 168 -2.73 10.26 21.80
C ARG A 168 -3.95 9.47 21.35
N ILE A 169 -5.08 9.77 21.96
CA ILE A 169 -6.35 9.14 21.61
C ILE A 169 -6.97 9.97 20.50
N ILE A 170 -7.18 9.36 19.34
CA ILE A 170 -7.89 9.98 18.24
C ILE A 170 -9.11 9.15 17.93
N THR A 171 -9.98 9.72 17.09
CA THR A 171 -11.13 8.99 16.60
C THR A 171 -10.73 8.09 15.42
N VAL A 172 -11.61 7.12 15.15
CA VAL A 172 -11.49 6.31 13.94
C VAL A 172 -11.47 7.19 12.70
N GLU A 173 -12.29 8.24 12.67
CA GLU A 173 -12.33 9.10 11.49
C GLU A 173 -11.00 9.80 11.29
N GLU A 174 -10.48 10.42 12.37
CA GLU A 174 -9.17 11.07 12.30
C GLU A 174 -8.09 10.07 11.89
N TYR A 175 -8.13 8.87 12.48
CA TYR A 175 -7.13 7.86 12.16
C TYR A 175 -7.21 7.48 10.68
N LEU A 176 -8.39 7.10 10.21
CA LEU A 176 -8.47 6.61 8.84
C LEU A 176 -8.00 7.69 7.86
N ASP A 177 -8.30 8.96 8.14
CA ASP A 177 -7.83 10.05 7.29
C ASP A 177 -6.31 10.08 7.20
N ILE A 178 -5.63 9.93 8.33
CA ILE A 178 -4.17 9.85 8.36
C ILE A 178 -3.69 8.56 7.67
N ARG A 179 -4.37 7.44 7.96
CA ARG A 179 -3.93 6.11 7.52
C ARG A 179 -3.99 5.93 6.01
N VAL A 180 -4.95 6.56 5.33
CA VAL A 180 -5.21 6.29 3.90
C VAL A 180 -3.93 6.26 3.04
N PRO A 181 -3.18 7.36 2.94
CA PRO A 181 -1.94 7.30 2.14
C PRO A 181 -0.95 6.29 2.65
N ASN A 182 -0.97 5.95 3.93
CA ASN A 182 0.03 5.06 4.53
C ASN A 182 -0.28 3.58 4.24
N THR A 183 -1.44 3.27 3.68
CA THR A 183 -1.73 1.92 3.20
C THR A 183 -1.05 1.63 1.88
N ALA A 184 -0.49 2.63 1.23
CA ALA A 184 0.14 2.53 -0.09
C ALA A 184 -0.82 2.14 -1.22
N MET A 185 -2.14 2.07 -0.96
CA MET A 185 -3.08 1.81 -2.05
C MET A 185 -2.90 2.87 -3.14
N GLY A 186 -2.85 4.14 -2.74
CA GLY A 186 -2.72 5.20 -3.72
C GLY A 186 -1.42 5.14 -4.51
N PHE A 187 -0.33 4.75 -3.86
CA PHE A 187 0.94 4.56 -4.55
C PHE A 187 0.84 3.43 -5.57
N MET A 188 0.24 2.32 -5.18
CA MET A 188 0.10 1.22 -6.13
C MET A 188 -0.79 1.61 -7.31
N PHE A 189 -1.81 2.44 -7.07
CA PHE A 189 -2.64 2.94 -8.17
C PHE A 189 -1.81 3.85 -9.09
N ARG A 190 -0.90 4.65 -8.55
CA ARG A 190 -0.05 5.49 -9.43
C ARG A 190 0.89 4.63 -10.28
N VAL A 191 1.45 3.55 -9.72
CA VAL A 191 2.35 2.73 -10.54
C VAL A 191 1.58 1.86 -11.51
N ILE A 192 0.24 1.89 -11.51
CA ILE A 192 -0.48 1.31 -12.65
C ILE A 192 0.08 1.89 -13.94
N GLY A 193 0.37 3.19 -13.94
CA GLY A 193 0.90 3.83 -15.14
C GLY A 193 2.26 3.32 -15.57
N PHE A 194 3.04 2.79 -14.63
CA PHE A 194 4.34 2.20 -14.94
C PHE A 194 4.19 0.76 -15.42
N ALA A 195 3.34 0.00 -14.73
CA ALA A 195 3.22 -1.41 -14.96
C ALA A 195 2.31 -1.67 -16.15
N GLN A 196 1.38 -0.77 -16.43
CA GLN A 196 0.43 -0.89 -17.54
C GLN A 196 0.50 0.40 -18.34
N PRO A 197 1.55 0.59 -19.13
CA PRO A 197 1.84 1.94 -19.65
C PRO A 197 0.80 2.45 -20.63
N GLU A 198 -0.07 1.58 -21.19
CA GLU A 198 -1.19 2.07 -21.96
C GLU A 198 -2.16 2.93 -21.13
N LEU A 199 -2.07 2.89 -19.80
CA LEU A 199 -2.94 3.66 -18.92
C LEU A 199 -2.28 4.95 -18.40
N ALA A 200 -1.02 5.22 -18.75
CA ALA A 200 -0.36 6.41 -18.21
C ALA A 200 -1.12 7.68 -18.55
N GLU A 201 -1.52 7.81 -19.81
CA GLU A 201 -2.25 9.00 -20.26
C GLU A 201 -3.54 9.18 -19.48
N ASP A 202 -4.30 8.09 -19.30
CA ASP A 202 -5.59 8.20 -18.62
C ASP A 202 -5.39 8.52 -17.15
N LEU A 203 -4.32 7.96 -16.56
CA LEU A 203 -3.97 8.25 -15.19
C LEU A 203 -3.68 9.74 -15.01
N ASN A 204 -2.82 10.29 -15.88
CA ASN A 204 -2.55 11.73 -15.82
C ASN A 204 -3.82 12.53 -15.98
N ARG A 205 -4.71 12.14 -16.91
CA ARG A 205 -5.86 12.99 -17.20
C ARG A 205 -6.82 13.04 -16.02
N VAL A 206 -7.11 11.88 -15.40
CA VAL A 206 -8.02 11.88 -14.27
C VAL A 206 -7.52 12.78 -13.15
N MET A 207 -6.20 12.84 -12.94
CA MET A 207 -5.68 13.66 -11.85
C MET A 207 -5.76 15.15 -12.18
N ALA A 208 -5.55 15.49 -13.45
CA ALA A 208 -5.61 16.89 -13.89
C ALA A 208 -7.05 17.38 -14.05
N GLU A 209 -7.95 16.53 -14.59
CA GLU A 209 -9.30 16.98 -14.94
C GLU A 209 -10.38 16.48 -13.99
N LYS A 210 -10.21 15.32 -13.35
CA LYS A 210 -11.24 14.77 -12.46
C LYS A 210 -10.65 14.35 -11.10
N PRO A 211 -9.91 15.26 -10.44
CA PRO A 211 -9.35 14.92 -9.12
C PRO A 211 -10.37 14.51 -8.08
N ASP A 212 -11.59 15.08 -8.07
CA ASP A 212 -12.52 14.73 -7.01
C ASP A 212 -13.09 13.34 -7.23
N LEU A 213 -13.41 12.99 -8.48
CA LEU A 213 -13.80 11.62 -8.80
C LEU A 213 -12.70 10.65 -8.39
N TRP A 214 -11.45 10.99 -8.69
CA TRP A 214 -10.35 10.10 -8.33
C TRP A 214 -10.37 9.84 -6.83
N ASP A 215 -10.44 10.90 -6.03
CA ASP A 215 -10.40 10.72 -4.58
C ASP A 215 -11.60 9.94 -4.06
N ARG A 216 -12.71 9.91 -4.81
CA ARG A 216 -13.86 9.13 -4.37
C ARG A 216 -13.59 7.65 -4.52
N VAL A 217 -12.69 7.28 -5.43
CA VAL A 217 -12.23 5.91 -5.51
C VAL A 217 -11.11 5.63 -4.50
N GLU A 218 -10.12 6.51 -4.43
CA GLU A 218 -8.93 6.23 -3.62
C GLU A 218 -9.25 6.22 -2.13
N SER A 219 -10.18 7.07 -1.69
CA SER A 219 -10.37 7.24 -0.26
C SER A 219 -11.05 6.03 0.37
N PRO A 220 -12.13 5.46 -0.20
CA PRO A 220 -12.65 4.22 0.38
C PRO A 220 -11.70 3.03 0.19
N SER A 221 -10.88 3.04 -0.86
CA SER A 221 -9.84 2.04 -1.01
C SER A 221 -8.89 2.03 0.18
N GLY A 222 -8.30 3.19 0.51
CA GLY A 222 -7.37 3.25 1.62
C GLY A 222 -8.03 2.92 2.94
N LYS A 223 -9.29 3.31 3.09
CA LYS A 223 -10.00 3.04 4.34
C LYS A 223 -10.22 1.53 4.52
N SER A 224 -10.72 0.85 3.48
CA SER A 224 -10.95 -0.59 3.58
C SER A 224 -9.63 -1.36 3.73
N VAL A 225 -8.60 -1.02 2.94
CA VAL A 225 -7.36 -1.78 3.05
C VAL A 225 -6.68 -1.47 4.37
N GLY A 226 -6.78 -0.23 4.84
CA GLY A 226 -6.30 0.09 6.17
C GLY A 226 -6.97 -0.75 7.24
N ILE A 227 -8.29 -0.89 7.16
CA ILE A 227 -8.97 -1.65 8.18
C ILE A 227 -8.54 -3.11 8.09
N ALA A 228 -8.37 -3.60 6.87
CA ALA A 228 -7.96 -4.99 6.65
C ALA A 228 -6.57 -5.24 7.23
N LEU A 229 -5.61 -4.33 6.97
CA LEU A 229 -4.27 -4.51 7.51
C LEU A 229 -4.29 -4.53 9.03
N ASP A 230 -5.04 -3.61 9.61
CA ASP A 230 -5.10 -3.51 11.06
C ASP A 230 -5.75 -4.75 11.64
N LEU A 231 -6.79 -5.27 10.97
CA LEU A 231 -7.47 -6.47 11.44
C LEU A 231 -6.53 -7.66 11.43
N PHE A 232 -5.71 -7.77 10.39
CA PHE A 232 -4.79 -8.90 10.26
C PHE A 232 -3.64 -8.85 11.25
N LYS A 233 -3.33 -7.68 11.84
CA LYS A 233 -2.35 -7.61 12.91
C LYS A 233 -2.98 -7.98 14.26
N VAL A 234 -2.11 -8.30 15.24
CA VAL A 234 -2.53 -8.43 16.64
C VAL A 234 -1.35 -8.78 17.55
N ASN A 235 -0.70 -9.93 17.33
CA ASN A 235 0.25 -10.43 18.32
C ASN A 235 1.18 -11.46 17.69
N GLY A 236 2.45 -11.40 18.10
CA GLY A 236 3.49 -12.31 17.65
C GLY A 236 4.65 -12.42 18.62
N LEU A 237 5.62 -11.50 18.54
CA LEU A 237 6.81 -11.51 19.39
C LEU A 237 6.45 -11.63 20.87
N HIS A 238 5.88 -10.56 21.45
CA HIS A 238 5.39 -10.59 22.83
C HIS A 238 4.23 -9.61 23.03
N ALA A 239 4.26 -8.46 22.36
CA ALA A 239 3.17 -7.49 22.47
C ALA A 239 3.28 -6.35 21.47
N GLU A 240 2.83 -6.57 20.23
CA GLU A 240 2.78 -5.47 19.26
C GLU A 240 1.81 -4.39 19.73
N VAL A 241 0.61 -4.79 20.14
CA VAL A 241 -0.39 -3.88 20.70
C VAL A 241 -0.71 -2.79 19.67
N CYS A 242 0.10 -1.73 19.63
CA CYS A 242 -0.20 -0.54 18.83
C CYS A 242 -1.51 0.10 19.27
N SER A 243 -1.76 0.13 20.58
CA SER A 243 -3.09 0.43 21.10
C SER A 243 -3.65 1.75 20.58
N TYR A 244 -2.81 2.66 20.09
CA TYR A 244 -3.29 3.98 19.68
C TYR A 244 -3.32 4.19 18.18
N THR A 245 -2.82 3.24 17.38
CA THR A 245 -2.77 3.36 15.92
C THR A 245 -3.25 2.09 15.22
N ASN A 246 -4.13 1.33 15.88
CA ASN A 246 -4.79 0.20 15.23
C ASN A 246 -6.29 0.43 15.33
N VAL A 247 -6.97 0.41 14.19
CA VAL A 247 -8.35 0.91 14.17
C VAL A 247 -9.25 0.13 15.10
N VAL A 248 -8.91 -1.14 15.38
CA VAL A 248 -9.75 -1.95 16.24
C VAL A 248 -9.69 -1.44 17.66
N LYS A 249 -8.48 -1.14 18.15
CA LYS A 249 -8.35 -0.63 19.52
C LYS A 249 -8.87 0.79 19.63
N ILE A 250 -8.67 1.59 18.57
CA ILE A 250 -9.21 2.94 18.51
C ILE A 250 -10.73 2.93 18.67
N TRP A 251 -11.42 2.04 17.95
CA TRP A 251 -12.87 1.97 18.10
C TRP A 251 -13.24 1.48 19.49
N GLN A 252 -12.51 0.51 20.04
CA GLN A 252 -12.80 0.09 21.41
C GLN A 252 -12.93 1.29 22.33
N ARG A 253 -11.97 2.23 22.25
CA ARG A 253 -12.04 3.42 23.10
C ARG A 253 -13.19 4.34 22.72
N GLU A 254 -13.47 4.49 21.43
CA GLU A 254 -14.43 5.49 20.99
C GLU A 254 -15.88 5.01 21.17
N SER A 255 -16.11 3.70 21.15
CA SER A 255 -17.47 3.18 21.26
C SER A 255 -18.22 3.83 22.41
N PRO A 256 -19.52 4.10 22.26
CA PRO A 256 -20.29 4.66 23.38
C PRO A 256 -20.74 3.62 24.38
N VAL A 257 -20.53 2.34 24.09
CA VAL A 257 -20.73 1.29 25.08
C VAL A 257 -19.47 0.43 25.08
N ALA A 258 -19.25 -0.22 26.22
CA ALA A 258 -18.08 -1.07 26.37
C ALA A 258 -18.17 -2.23 25.40
N ILE A 259 -17.11 -2.42 24.62
CA ILE A 259 -17.00 -3.54 23.70
C ILE A 259 -15.63 -4.20 23.86
N ASP A 260 -15.60 -5.51 23.75
CA ASP A 260 -14.36 -6.24 23.83
C ASP A 260 -13.71 -6.31 22.46
N LEU A 261 -12.49 -6.85 22.42
CA LEU A 261 -11.77 -6.94 21.15
C LEU A 261 -12.57 -7.71 20.11
N GLY A 262 -13.23 -8.79 20.51
CA GLY A 262 -13.98 -9.59 19.56
C GLY A 262 -15.10 -8.81 18.88
N GLU A 263 -15.96 -8.18 19.67
CA GLU A 263 -17.02 -7.35 19.11
C GLU A 263 -16.45 -6.19 18.29
N ALA A 264 -15.35 -5.59 18.74
CA ALA A 264 -14.70 -4.53 17.96
C ALA A 264 -14.25 -5.02 16.58
N ILE A 265 -13.69 -6.24 16.51
CA ILE A 265 -13.29 -6.84 15.24
C ILE A 265 -14.51 -6.99 14.34
N LYS A 266 -15.61 -7.50 14.89
CA LYS A 266 -16.82 -7.66 14.10
C LYS A 266 -17.26 -6.34 13.49
N PHE A 267 -17.25 -5.26 14.27
CA PHE A 267 -17.71 -4.00 13.73
C PHE A 267 -16.81 -3.55 12.59
N MET A 268 -15.50 -3.61 12.76
CA MET A 268 -14.63 -3.09 11.73
C MET A 268 -14.67 -3.96 10.49
N VAL A 269 -14.97 -5.25 10.64
CA VAL A 269 -15.20 -6.09 9.46
C VAL A 269 -16.39 -5.56 8.68
N SER A 270 -17.50 -5.28 9.37
CA SER A 270 -18.65 -4.68 8.68
C SER A 270 -18.23 -3.38 7.98
N GLU A 271 -17.34 -2.60 8.61
CA GLU A 271 -16.93 -1.35 7.98
C GLU A 271 -16.08 -1.61 6.73
N PHE A 272 -15.21 -2.63 6.75
CA PHE A 272 -14.51 -3.05 5.54
C PHE A 272 -15.48 -3.21 4.37
N TYR A 273 -16.56 -3.95 4.60
CA TYR A 273 -17.49 -4.22 3.52
C TYR A 273 -18.20 -2.96 3.08
N ARG A 274 -18.50 -2.06 4.02
CA ARG A 274 -19.18 -0.81 3.69
C ARG A 274 -18.29 0.12 2.87
N TYR A 275 -17.00 0.17 3.19
CA TYR A 275 -16.08 1.01 2.44
C TYR A 275 -15.82 0.43 1.05
N GLU A 276 -15.72 -0.90 0.94
CA GLU A 276 -15.55 -1.51 -0.38
C GLU A 276 -16.76 -1.27 -1.29
N LYS A 277 -17.97 -1.36 -0.74
CA LYS A 277 -19.17 -0.99 -1.51
C LYS A 277 -19.08 0.45 -2.01
N GLU A 278 -18.61 1.36 -1.15
CA GLU A 278 -18.50 2.76 -1.54
C GLU A 278 -17.45 2.93 -2.65
N MET A 279 -16.35 2.17 -2.57
CA MET A 279 -15.36 2.19 -3.64
C MET A 279 -15.95 1.64 -4.95
N ALA A 280 -16.66 0.53 -4.88
CA ALA A 280 -17.27 -0.07 -6.06
C ALA A 280 -18.13 0.95 -6.78
N GLU A 281 -19.01 1.63 -6.03
CA GLU A 281 -19.88 2.66 -6.57
C GLU A 281 -19.07 3.75 -7.28
N ALA A 282 -17.98 4.20 -6.66
CA ALA A 282 -17.10 5.17 -7.30
C ALA A 282 -16.49 4.61 -8.57
N LEU A 283 -16.13 3.33 -8.58
CA LEU A 283 -15.43 2.83 -9.76
C LEU A 283 -16.37 2.79 -10.96
N GLU A 284 -17.67 2.60 -10.74
CA GLU A 284 -18.61 2.68 -11.86
C GLU A 284 -18.49 4.03 -12.56
N GLU A 285 -18.32 5.11 -11.81
CA GLU A 285 -18.21 6.43 -12.42
C GLU A 285 -16.84 6.65 -13.03
N LEU A 286 -15.78 6.06 -12.47
CA LEU A 286 -14.48 6.12 -13.12
C LEU A 286 -14.45 5.33 -14.41
N ALA A 287 -15.17 4.21 -14.47
CA ALA A 287 -15.15 3.40 -15.68
C ALA A 287 -15.78 4.12 -16.87
N GLU A 288 -16.74 5.01 -16.65
CA GLU A 288 -17.23 5.78 -17.80
C GLU A 288 -16.13 6.69 -18.34
N PHE A 289 -15.20 7.13 -17.49
CA PHE A 289 -14.10 7.96 -17.98
C PHE A 289 -13.01 7.11 -18.64
N SER A 290 -12.65 5.99 -18.00
CA SER A 290 -11.63 5.09 -18.52
C SER A 290 -11.94 3.66 -18.07
N PRO A 291 -12.59 2.87 -18.92
CA PRO A 291 -12.80 1.46 -18.55
C PRO A 291 -11.52 0.75 -18.14
N GLY A 292 -10.42 1.00 -18.85
CA GLY A 292 -9.17 0.32 -18.54
C GLY A 292 -8.64 0.65 -17.16
N LEU A 293 -8.61 1.95 -16.83
CA LEU A 293 -8.08 2.36 -15.54
C LEU A 293 -8.97 1.89 -14.38
N ALA A 294 -10.29 1.95 -14.56
CA ALA A 294 -11.19 1.41 -13.54
C ALA A 294 -10.88 -0.06 -13.26
N GLN A 295 -10.73 -0.86 -14.33
CA GLN A 295 -10.46 -2.29 -14.15
C GLN A 295 -9.10 -2.52 -13.50
N ALA A 296 -8.11 -1.69 -13.83
CA ALA A 296 -6.79 -1.86 -13.23
C ALA A 296 -6.84 -1.60 -11.74
N VAL A 297 -7.65 -0.61 -11.34
CA VAL A 297 -7.83 -0.32 -9.92
C VAL A 297 -8.53 -1.46 -9.21
N ARG A 298 -9.61 -2.00 -9.80
CA ARG A 298 -10.25 -3.18 -9.22
C ARG A 298 -9.20 -4.26 -8.94
N ASP A 299 -8.40 -4.58 -9.95
CA ASP A 299 -7.43 -5.67 -9.80
C ASP A 299 -6.36 -5.36 -8.75
N VAL A 300 -5.94 -4.10 -8.57
CA VAL A 300 -5.00 -3.81 -7.47
C VAL A 300 -5.67 -4.11 -6.13
N GLN A 301 -6.89 -3.61 -5.94
CA GLN A 301 -7.63 -3.93 -4.73
C GLN A 301 -7.84 -5.43 -4.60
N GLY A 302 -8.34 -6.06 -5.66
CA GLY A 302 -8.68 -7.48 -5.58
C GLY A 302 -7.48 -8.36 -5.30
N GLY A 303 -6.32 -8.00 -5.87
CA GLY A 303 -5.11 -8.80 -5.65
C GLY A 303 -4.48 -8.54 -4.31
N THR A 304 -4.59 -7.31 -3.82
CA THR A 304 -4.09 -6.99 -2.49
C THR A 304 -4.82 -7.81 -1.44
N LEU A 305 -6.14 -7.72 -1.47
CA LEU A 305 -6.96 -8.51 -0.55
C LEU A 305 -6.73 -9.99 -0.78
N GLY A 306 -6.68 -10.41 -2.04
CA GLY A 306 -6.44 -11.81 -2.33
C GLY A 306 -5.15 -12.29 -1.70
N TRP A 307 -4.07 -11.54 -1.95
CA TRP A 307 -2.76 -11.91 -1.43
C TRP A 307 -2.72 -11.83 0.09
N MET A 308 -3.44 -10.86 0.69
CA MET A 308 -3.44 -10.73 2.13
C MET A 308 -4.13 -11.91 2.81
N ASN A 309 -5.11 -12.51 2.15
CA ASN A 309 -5.89 -13.54 2.82
C ASN A 309 -5.10 -14.84 2.96
N ALA A 310 -3.77 -14.76 2.86
CA ALA A 310 -2.87 -15.78 3.44
C ALA A 310 -2.47 -15.33 4.84
N GLU A 311 -3.34 -15.64 5.80
CA GLU A 311 -3.25 -15.12 7.17
C GLU A 311 -3.10 -16.24 8.19
#